data_4N6A
#
_entry.id   4N6A
#
_cell.length_a   110.868
_cell.length_b   110.868
_cell.length_c   144.011
_cell.angle_alpha   90.00
_cell.angle_beta   90.00
_cell.angle_gamma   120.00
#
_symmetry.space_group_name_H-M   'H 3'
#
loop_
_entity.id
_entity.type
_entity.pdbx_description
1 polymer 'Serine Acetyltransferase Apoenzyme'
2 non-polymer 'PHOSPHATE ION'
3 water water
#
_entity_poly.entity_id   1
_entity_poly.type   'polypeptide(L)'
_entity_poly.pdbx_seq_one_letter_code
;MPTGLPAANSLVAPDEEGWVWGQIKAEARRDAESEPALASYLYSTILSHSSLERSLSFHLGNKLCSSTLLSTLLYDLFLN
AFSSDPSLRSAAVADLRAARERDPACVSYSHCLLNYKGFLACQAHRVAHLLWRQSRRPLALALHSRIANVFAVDIHPAAR
IGKGILFDHATGVVVGETAVIGNNVSILHHVTLGGTGKVGGDRHPKIGDGVLIGAGATILGNIKIGEGAKVGAGSVVLID
VPPRTTAVGNPARLVGGKEKPSKHEDVPGESMDHTSFISEWSDYII
;
_entity_poly.pdbx_strand_id   A,B
#
# COMPACT_ATOMS: atom_id res chain seq x y z
N PRO A 14 12.02 -4.39 1.96
CA PRO A 14 11.38 -3.97 3.21
C PRO A 14 10.21 -3.03 2.95
N ASP A 15 10.41 -2.08 2.04
CA ASP A 15 9.34 -1.16 1.65
C ASP A 15 8.26 -1.93 0.85
N GLU A 16 7.14 -1.27 0.60
CA GLU A 16 6.02 -1.93 -0.08
C GLU A 16 6.38 -2.42 -1.47
N GLU A 17 6.95 -1.54 -2.28
CA GLU A 17 7.35 -1.93 -3.62
C GLU A 17 8.40 -3.03 -3.57
N GLY A 18 9.36 -2.85 -2.67
CA GLY A 18 10.44 -3.81 -2.48
C GLY A 18 9.93 -5.19 -2.13
N TRP A 19 8.94 -5.25 -1.25
CA TRP A 19 8.36 -6.53 -0.87
C TRP A 19 7.60 -7.18 -2.03
N VAL A 20 6.83 -6.39 -2.77
CA VAL A 20 6.05 -6.90 -3.90
C VAL A 20 7.01 -7.44 -4.97
N TRP A 21 8.09 -6.71 -5.22
CA TRP A 21 9.07 -7.15 -6.20
C TRP A 21 9.74 -8.44 -5.73
N GLY A 22 10.00 -8.54 -4.44
CA GLY A 22 10.55 -9.74 -3.85
C GLY A 22 9.65 -10.94 -4.06
N GLN A 23 8.34 -10.73 -3.91
CA GLN A 23 7.37 -11.80 -4.16
C GLN A 23 7.36 -12.21 -5.62
N ILE A 24 7.40 -11.22 -6.51
CA ILE A 24 7.43 -11.48 -7.95
C ILE A 24 8.63 -12.36 -8.28
N LYS A 25 9.80 -12.03 -7.73
CA LYS A 25 10.98 -12.82 -8.06
C LYS A 25 10.86 -14.25 -7.55
N ALA A 26 10.38 -14.41 -6.31
CA ALA A 26 10.27 -15.74 -5.73
C ALA A 26 9.32 -16.61 -6.56
N GLU A 27 8.20 -16.02 -6.96
CA GLU A 27 7.20 -16.73 -7.77
C GLU A 27 7.76 -17.09 -9.13
N ALA A 28 8.45 -16.15 -9.76
CA ALA A 28 9.04 -16.41 -11.07
C ALA A 28 10.04 -17.54 -11.00
N ARG A 29 10.80 -17.58 -9.90
CA ARG A 29 11.83 -18.59 -9.73
C ARG A 29 11.19 -19.97 -9.59
N ARG A 30 10.07 -20.06 -8.88
CA ARG A 30 9.37 -21.34 -8.75
C ARG A 30 8.85 -21.78 -10.11
N ASP A 31 8.28 -20.84 -10.87
CA ASP A 31 7.74 -21.16 -12.19
C ASP A 31 8.85 -21.59 -13.14
N ALA A 32 10.00 -20.92 -13.06
CA ALA A 32 11.12 -21.26 -13.96
C ALA A 32 11.65 -22.66 -13.65
N GLU A 33 11.69 -23.00 -12.37
CA GLU A 33 12.16 -24.32 -11.95
C GLU A 33 11.19 -25.42 -12.38
N SER A 34 9.89 -25.11 -12.40
CA SER A 34 8.90 -26.15 -12.69
C SER A 34 8.62 -26.28 -14.20
N GLU A 35 8.87 -25.23 -14.96
CA GLU A 35 8.53 -25.23 -16.40
C GLU A 35 9.69 -24.82 -17.29
N PRO A 36 10.42 -25.79 -17.80
CA PRO A 36 11.61 -25.45 -18.58
C PRO A 36 11.31 -24.71 -19.87
N ALA A 37 10.08 -24.82 -20.40
CA ALA A 37 9.74 -24.07 -21.61
C ALA A 37 9.70 -22.58 -21.36
N LEU A 38 9.48 -22.17 -20.10
CA LEU A 38 9.36 -20.76 -19.76
C LEU A 38 10.55 -20.20 -18.97
N ALA A 39 11.49 -21.06 -18.60
CA ALA A 39 12.59 -20.67 -17.71
C ALA A 39 13.41 -19.48 -18.24
N SER A 40 13.80 -19.52 -19.52
CA SER A 40 14.65 -18.47 -20.05
C SER A 40 13.94 -17.12 -20.12
N TYR A 41 12.68 -17.16 -20.51
CA TYR A 41 11.85 -15.97 -20.59
C TYR A 41 11.62 -15.36 -19.20
N LEU A 42 11.41 -16.22 -18.20
CA LEU A 42 11.28 -15.72 -16.83
C LEU A 42 12.62 -15.13 -16.35
N TYR A 43 13.73 -15.77 -16.72
CA TYR A 43 15.03 -15.23 -16.36
C TYR A 43 15.28 -13.86 -17.03
N SER A 44 15.04 -13.76 -18.33
N SER A 44 15.06 -13.80 -18.34
CA SER A 44 15.38 -12.53 -19.04
CA SER A 44 15.31 -12.56 -19.09
C SER A 44 14.44 -11.38 -18.64
C SER A 44 14.47 -11.43 -18.53
N THR A 45 13.17 -11.70 -18.39
CA THR A 45 12.21 -10.67 -18.02
C THR A 45 12.28 -10.26 -16.53
N ILE A 46 12.38 -11.24 -15.64
CA ILE A 46 12.29 -10.96 -14.21
C ILE A 46 13.57 -11.24 -13.44
N LEU A 47 14.05 -12.48 -13.46
CA LEU A 47 15.09 -12.90 -12.50
C LEU A 47 16.44 -12.23 -12.75
N SER A 48 16.69 -11.78 -13.98
CA SER A 48 17.96 -11.10 -14.27
C SER A 48 17.97 -9.62 -13.90
N HIS A 49 16.86 -9.12 -13.37
CA HIS A 49 16.74 -7.70 -13.04
C HIS A 49 16.64 -7.49 -11.53
N SER A 50 16.81 -6.24 -11.11
N SER A 50 16.80 -6.24 -11.10
CA SER A 50 16.80 -5.89 -9.69
CA SER A 50 16.76 -5.93 -9.67
C SER A 50 15.70 -4.87 -9.37
C SER A 50 15.64 -4.94 -9.33
N SER A 51 14.79 -4.64 -10.31
CA SER A 51 13.66 -3.76 -10.04
C SER A 51 12.43 -4.14 -10.83
N LEU A 52 11.28 -3.79 -10.25
CA LEU A 52 10.00 -3.91 -10.94
C LEU A 52 9.97 -3.06 -12.19
N GLU A 53 10.51 -1.83 -12.10
CA GLU A 53 10.47 -0.91 -13.24
C GLU A 53 11.20 -1.48 -14.45
N ARG A 54 12.37 -2.04 -14.21
CA ARG A 54 13.15 -2.53 -15.33
C ARG A 54 12.47 -3.76 -15.95
N SER A 55 11.95 -4.64 -15.11
N SER A 55 11.98 -4.64 -15.08
CA SER A 55 11.30 -5.85 -15.61
CA SER A 55 11.27 -5.85 -15.53
C SER A 55 10.01 -5.52 -16.38
C SER A 55 10.03 -5.51 -16.35
N LEU A 56 9.22 -4.61 -15.82
CA LEU A 56 8.00 -4.18 -16.52
C LEU A 56 8.30 -3.49 -17.85
N SER A 57 9.34 -2.66 -17.86
CA SER A 57 9.76 -2.00 -19.11
C SER A 57 10.24 -2.99 -20.16
N PHE A 58 11.03 -3.98 -19.71
CA PHE A 58 11.55 -5.04 -20.57
C PHE A 58 10.38 -5.79 -21.19
N HIS A 59 9.42 -6.15 -20.34
CA HIS A 59 8.29 -6.94 -20.80
C HIS A 59 7.41 -6.14 -21.75
N LEU A 60 7.11 -4.91 -21.38
CA LEU A 60 6.25 -4.07 -22.23
C LEU A 60 6.93 -3.81 -23.57
N GLY A 61 8.26 -3.64 -23.57
CA GLY A 61 8.99 -3.43 -24.81
C GLY A 61 8.86 -4.59 -25.74
N ASN A 62 8.94 -5.81 -25.20
CA ASN A 62 8.76 -6.99 -26.02
C ASN A 62 7.32 -7.18 -26.48
N LYS A 63 6.37 -6.97 -25.57
CA LYS A 63 4.98 -7.14 -25.95
C LYS A 63 4.52 -6.20 -27.05
N LEU A 64 5.02 -4.96 -27.04
CA LEU A 64 4.44 -3.93 -27.88
C LEU A 64 5.28 -3.63 -29.11
N CYS A 65 6.41 -4.28 -29.26
CA CYS A 65 7.27 -3.95 -30.39
C CYS A 65 6.61 -4.34 -31.71
N SER A 66 7.09 -3.76 -32.80
CA SER A 66 6.51 -3.99 -34.12
C SER A 66 7.60 -3.68 -35.12
N SER A 67 7.30 -3.75 -36.41
CA SER A 67 8.32 -3.38 -37.40
C SER A 67 8.60 -1.87 -37.35
N THR A 68 7.67 -1.12 -36.79
CA THR A 68 7.82 0.32 -36.66
C THR A 68 8.64 0.68 -35.42
N LEU A 69 8.47 -0.09 -34.35
CA LEU A 69 8.99 0.24 -33.03
C LEU A 69 9.83 -0.91 -32.46
N LEU A 70 11.15 -0.74 -32.40
CA LEU A 70 12.02 -1.79 -31.85
C LEU A 70 11.71 -2.07 -30.39
N SER A 71 11.82 -3.33 -29.98
CA SER A 71 11.62 -3.64 -28.57
C SER A 71 12.63 -2.89 -27.70
N THR A 72 13.87 -2.72 -28.19
CA THR A 72 14.87 -2.02 -27.38
C THR A 72 14.53 -0.52 -27.25
N LEU A 73 13.96 0.06 -28.32
CA LEU A 73 13.47 1.44 -28.25
CA LEU A 73 13.47 1.44 -28.24
C LEU A 73 12.36 1.59 -27.20
N LEU A 74 11.35 0.71 -27.28
CA LEU A 74 10.25 0.80 -26.33
C LEU A 74 10.73 0.52 -24.89
N TYR A 75 11.62 -0.45 -24.73
CA TYR A 75 12.25 -0.72 -23.43
C TYR A 75 12.84 0.58 -22.85
N ASP A 76 13.62 1.29 -23.66
CA ASP A 76 14.20 2.60 -23.24
C ASP A 76 13.10 3.59 -22.87
N LEU A 77 12.09 3.69 -23.72
CA LEU A 77 11.00 4.64 -23.50
C LEU A 77 10.31 4.41 -22.17
N PHE A 78 9.95 3.15 -21.92
CA PHE A 78 9.26 2.81 -20.67
C PHE A 78 10.17 3.00 -19.48
N LEU A 79 11.42 2.56 -19.60
CA LEU A 79 12.34 2.65 -18.48
C LEU A 79 12.59 4.10 -18.11
N ASN A 80 12.84 4.94 -19.12
CA ASN A 80 13.02 6.37 -18.88
C ASN A 80 11.82 6.99 -18.17
N ALA A 81 10.62 6.63 -18.60
CA ALA A 81 9.41 7.18 -18.02
C ALA A 81 9.29 6.80 -16.54
N PHE A 82 9.45 5.51 -16.25
CA PHE A 82 9.37 5.04 -14.86
C PHE A 82 10.45 5.64 -13.97
N SER A 83 11.67 5.77 -14.48
N SER A 83 11.67 5.76 -14.49
CA SER A 83 12.75 6.33 -13.69
CA SER A 83 12.77 6.33 -13.73
C SER A 83 12.58 7.84 -13.48
C SER A 83 12.59 7.83 -13.49
N SER A 84 11.88 8.49 -14.40
CA SER A 84 11.69 9.94 -14.33
C SER A 84 10.47 10.37 -13.51
N ASP A 85 9.55 9.44 -13.28
CA ASP A 85 8.22 9.80 -12.83
C ASP A 85 7.77 8.92 -11.66
N PRO A 86 8.06 9.36 -10.41
CA PRO A 86 7.73 8.59 -9.20
C PRO A 86 6.27 8.15 -9.16
N SER A 87 5.37 8.96 -9.71
CA SER A 87 3.94 8.64 -9.64
C SER A 87 3.58 7.44 -10.52
N LEU A 88 4.32 7.24 -11.61
CA LEU A 88 4.13 6.05 -12.44
C LEU A 88 4.49 4.77 -11.69
N ARG A 89 5.57 4.83 -10.92
CA ARG A 89 5.99 3.68 -10.10
C ARG A 89 4.96 3.38 -9.01
N SER A 90 4.48 4.44 -8.34
CA SER A 90 3.43 4.28 -7.32
C SER A 90 2.18 3.67 -7.93
N ALA A 91 1.81 4.12 -9.12
CA ALA A 91 0.60 3.61 -9.78
C ALA A 91 0.72 2.12 -10.14
N ALA A 92 1.88 1.73 -10.64
CA ALA A 92 2.09 0.35 -11.01
C ALA A 92 1.95 -0.57 -9.79
N VAL A 93 2.53 -0.16 -8.68
CA VAL A 93 2.47 -0.98 -7.47
C VAL A 93 1.04 -1.01 -6.95
N ALA A 94 0.33 0.13 -7.00
CA ALA A 94 -1.06 0.17 -6.56
C ALA A 94 -1.93 -0.73 -7.42
N ASP A 95 -1.66 -0.76 -8.72
CA ASP A 95 -2.43 -1.61 -9.63
C ASP A 95 -2.12 -3.10 -9.42
N LEU A 96 -0.86 -3.41 -9.09
CA LEU A 96 -0.50 -4.78 -8.72
C LEU A 96 -1.23 -5.21 -7.47
N ARG A 97 -1.28 -4.32 -6.49
CA ARG A 97 -2.01 -4.58 -5.26
C ARG A 97 -3.50 -4.76 -5.51
N ALA A 98 -4.06 -3.90 -6.36
CA ALA A 98 -5.48 -3.99 -6.70
C ALA A 98 -5.81 -5.37 -7.26
N ALA A 99 -4.97 -5.87 -8.17
CA ALA A 99 -5.22 -7.21 -8.73
C ALA A 99 -5.10 -8.29 -7.67
N ARG A 100 -4.03 -8.22 -6.87
CA ARG A 100 -3.80 -9.19 -5.81
C ARG A 100 -4.96 -9.25 -4.84
N GLU A 101 -5.54 -8.09 -4.56
CA GLU A 101 -6.61 -8.00 -3.56
C GLU A 101 -8.00 -8.29 -4.12
N ARG A 102 -8.29 -7.77 -5.31
CA ARG A 102 -9.66 -7.73 -5.82
C ARG A 102 -9.96 -8.67 -6.99
N ASP A 103 -8.94 -9.15 -7.69
CA ASP A 103 -9.15 -10.02 -8.84
C ASP A 103 -9.86 -11.29 -8.43
N PRO A 104 -11.04 -11.56 -9.02
CA PRO A 104 -11.83 -12.76 -8.72
C PRO A 104 -11.05 -14.04 -8.99
N ALA A 105 -10.13 -14.01 -9.96
CA ALA A 105 -9.34 -15.18 -10.29
C ALA A 105 -8.12 -15.31 -9.38
N CYS A 106 -8.01 -14.41 -8.41
CA CYS A 106 -6.94 -14.43 -7.40
C CYS A 106 -5.53 -14.59 -7.97
N VAL A 107 -4.97 -13.50 -8.50
CA VAL A 107 -3.63 -13.58 -9.07
C VAL A 107 -2.47 -13.36 -8.13
N SER A 108 -1.45 -14.17 -8.35
CA SER A 108 -0.11 -13.88 -7.86
C SER A 108 0.43 -12.63 -8.52
N TYR A 109 1.38 -11.98 -7.86
CA TYR A 109 1.95 -10.75 -8.39
C TYR A 109 2.66 -10.99 -9.73
N SER A 110 3.40 -12.10 -9.80
N SER A 110 3.41 -12.10 -9.83
CA SER A 110 4.20 -12.39 -11.00
CA SER A 110 4.20 -12.30 -11.06
C SER A 110 3.32 -12.66 -12.20
C SER A 110 3.29 -12.61 -12.23
N HIS A 111 2.17 -13.30 -11.98
CA HIS A 111 1.30 -13.67 -13.08
C HIS A 111 0.56 -12.45 -13.60
N CYS A 112 0.23 -11.54 -12.68
CA CYS A 112 -0.37 -10.26 -13.07
C CYS A 112 0.64 -9.48 -13.91
N LEU A 113 1.86 -9.35 -13.41
CA LEU A 113 2.91 -8.62 -14.13
C LEU A 113 3.11 -9.17 -15.54
N LEU A 114 3.17 -10.49 -15.67
CA LEU A 114 3.48 -11.12 -16.95
C LEU A 114 2.29 -11.29 -17.89
N ASN A 115 1.13 -11.64 -17.33
CA ASN A 115 0.04 -12.16 -18.16
C ASN A 115 -1.23 -11.31 -18.17
N TYR A 116 -1.38 -10.39 -17.23
CA TYR A 116 -2.65 -9.67 -17.15
C TYR A 116 -2.68 -8.48 -18.09
N LYS A 117 -3.51 -8.60 -19.12
CA LYS A 117 -3.57 -7.64 -20.21
C LYS A 117 -4.06 -6.29 -19.75
N GLY A 118 -5.04 -6.29 -18.85
CA GLY A 118 -5.52 -5.03 -18.30
C GLY A 118 -4.43 -4.28 -17.57
N PHE A 119 -3.74 -4.97 -16.67
CA PHE A 119 -2.64 -4.36 -15.92
C PHE A 119 -1.56 -3.80 -16.84
N LEU A 120 -1.14 -4.61 -17.82
CA LEU A 120 -0.03 -4.19 -18.69
C LEU A 120 -0.44 -3.03 -19.57
N ALA A 121 -1.63 -3.12 -20.16
CA ALA A 121 -2.13 -2.06 -21.02
C ALA A 121 -2.26 -0.77 -20.22
N CYS A 122 -2.67 -0.89 -18.97
CA CYS A 122 -2.84 0.28 -18.14
C CYS A 122 -1.51 0.97 -17.85
N GLN A 123 -0.46 0.21 -17.53
CA GLN A 123 0.81 0.84 -17.26
C GLN A 123 1.36 1.49 -18.53
N ALA A 124 1.20 0.82 -19.65
CA ALA A 124 1.66 1.36 -20.93
C ALA A 124 0.88 2.63 -21.27
N HIS A 125 -0.41 2.62 -20.95
CA HIS A 125 -1.24 3.82 -21.18
C HIS A 125 -0.75 5.00 -20.38
N ARG A 126 -0.36 4.77 -19.13
CA ARG A 126 0.15 5.83 -18.27
C ARG A 126 1.35 6.52 -18.92
N VAL A 127 2.21 5.74 -19.55
CA VAL A 127 3.33 6.33 -20.29
C VAL A 127 2.85 7.07 -21.55
N ALA A 128 1.90 6.51 -22.29
CA ALA A 128 1.27 7.24 -23.40
C ALA A 128 0.66 8.57 -22.93
N HIS A 129 0.04 8.56 -21.74
CA HIS A 129 -0.56 9.79 -21.21
C HIS A 129 0.52 10.82 -20.91
N LEU A 130 1.65 10.34 -20.40
CA LEU A 130 2.77 11.23 -20.10
C LEU A 130 3.34 11.85 -21.39
N LEU A 131 3.50 11.03 -22.42
CA LEU A 131 3.97 11.52 -23.73
C LEU A 131 3.02 12.60 -24.26
N TRP A 132 1.73 12.34 -24.15
CA TRP A 132 0.68 13.25 -24.62
C TRP A 132 0.82 14.60 -23.92
N ARG A 133 1.08 14.55 -22.62
CA ARG A 133 1.27 15.76 -21.82
C ARG A 133 2.59 16.46 -22.12
N GLN A 134 3.59 15.69 -22.54
CA GLN A 134 4.90 16.25 -22.89
C GLN A 134 4.97 16.73 -24.34
N SER A 135 3.81 16.89 -24.96
CA SER A 135 3.71 17.30 -26.36
C SER A 135 4.44 16.35 -27.31
N ARG A 136 4.34 15.06 -27.04
CA ARG A 136 4.76 14.04 -27.99
C ARG A 136 3.54 13.22 -28.39
N ARG A 137 2.56 13.90 -28.98
CA ARG A 137 1.29 13.25 -29.28
C ARG A 137 1.34 12.22 -30.41
N PRO A 138 2.10 12.47 -31.52
CA PRO A 138 2.19 11.39 -32.50
C PRO A 138 2.72 10.09 -31.90
N LEU A 139 3.75 10.18 -31.06
CA LEU A 139 4.27 8.99 -30.43
C LEU A 139 3.29 8.42 -29.39
N ALA A 140 2.59 9.29 -28.67
CA ALA A 140 1.57 8.83 -27.73
C ALA A 140 0.52 8.01 -28.47
N LEU A 141 0.12 8.48 -29.64
CA LEU A 141 -0.89 7.80 -30.43
C LEU A 141 -0.36 6.51 -31.03
N ALA A 142 0.91 6.50 -31.42
CA ALA A 142 1.49 5.27 -31.96
C ALA A 142 1.54 4.21 -30.87
N LEU A 143 1.87 4.63 -29.65
CA LEU A 143 1.94 3.69 -28.54
C LEU A 143 0.53 3.19 -28.23
N HIS A 144 -0.41 4.12 -28.18
CA HIS A 144 -1.82 3.79 -27.96
C HIS A 144 -2.34 2.75 -28.96
N SER A 145 -1.97 2.91 -30.22
CA SER A 145 -2.39 1.97 -31.24
CA SER A 145 -2.39 1.97 -31.26
C SER A 145 -1.86 0.56 -30.96
N ARG A 146 -0.61 0.47 -30.51
CA ARG A 146 -0.02 -0.84 -30.21
C ARG A 146 -0.68 -1.47 -29.00
N ILE A 147 -0.98 -0.66 -28.00
CA ILE A 147 -1.64 -1.17 -26.78
C ILE A 147 -2.98 -1.78 -27.15
N ALA A 148 -3.70 -1.10 -28.04
CA ALA A 148 -4.99 -1.60 -28.53
C ALA A 148 -4.80 -2.91 -29.32
N ASN A 149 -3.86 -2.89 -30.26
CA ASN A 149 -3.43 -4.07 -31.01
C ASN A 149 -3.20 -5.28 -30.10
N VAL A 150 -2.38 -5.08 -29.09
CA VAL A 150 -1.81 -6.19 -28.33
C VAL A 150 -2.62 -6.59 -27.10
N PHE A 151 -3.21 -5.63 -26.41
CA PHE A 151 -3.86 -5.93 -25.14
C PHE A 151 -5.38 -5.80 -25.21
N ALA A 152 -5.88 -5.47 -26.40
CA ALA A 152 -7.31 -5.24 -26.62
C ALA A 152 -7.85 -4.24 -25.60
N VAL A 153 -7.08 -3.19 -25.35
CA VAL A 153 -7.46 -2.14 -24.44
C VAL A 153 -7.32 -0.82 -25.16
N ASP A 154 -8.44 -0.12 -25.34
CA ASP A 154 -8.43 1.12 -26.11
C ASP A 154 -8.74 2.28 -25.17
N ILE A 155 -7.68 2.83 -24.59
CA ILE A 155 -7.76 3.98 -23.71
C ILE A 155 -7.07 5.16 -24.37
N HIS A 156 -7.80 6.21 -24.72
CA HIS A 156 -7.18 7.35 -25.41
C HIS A 156 -6.09 7.97 -24.52
N PRO A 157 -4.93 8.33 -25.10
CA PRO A 157 -3.84 8.89 -24.30
C PRO A 157 -4.23 10.09 -23.46
N ALA A 158 -5.27 10.84 -23.87
CA ALA A 158 -5.70 12.02 -23.13
C ALA A 158 -6.64 11.67 -21.97
N ALA A 159 -7.09 10.43 -21.90
CA ALA A 159 -7.93 10.00 -20.78
C ALA A 159 -7.14 10.12 -19.47
N ARG A 160 -7.84 10.45 -18.39
CA ARG A 160 -7.20 10.53 -17.09
C ARG A 160 -7.65 9.38 -16.20
N ILE A 161 -6.71 8.57 -15.73
CA ILE A 161 -7.06 7.47 -14.86
CA ILE A 161 -7.01 7.42 -14.89
C ILE A 161 -6.23 7.49 -13.58
N GLY A 162 -6.86 7.10 -12.47
CA GLY A 162 -6.19 7.08 -11.19
C GLY A 162 -5.41 5.77 -11.03
N LYS A 163 -5.21 5.34 -9.80
CA LYS A 163 -4.46 4.11 -9.55
C LYS A 163 -5.27 3.15 -8.69
N GLY A 164 -4.80 1.91 -8.61
CA GLY A 164 -5.56 0.86 -7.95
C GLY A 164 -6.68 0.35 -8.85
N ILE A 165 -6.42 0.38 -10.15
CA ILE A 165 -7.40 0.04 -11.17
C ILE A 165 -7.39 -1.45 -11.49
N LEU A 166 -8.58 -2.05 -11.52
CA LEU A 166 -8.75 -3.46 -11.85
C LEU A 166 -9.49 -3.57 -13.18
N PHE A 167 -8.85 -4.22 -14.15
CA PHE A 167 -9.34 -4.38 -15.53
C PHE A 167 -9.61 -5.84 -15.87
N ASP A 168 -10.73 -6.39 -15.41
CA ASP A 168 -11.05 -7.81 -15.55
C ASP A 168 -11.56 -8.20 -16.94
N HIS A 169 -10.83 -9.11 -17.59
CA HIS A 169 -11.11 -9.52 -18.98
C HIS A 169 -11.15 -8.28 -19.86
N ALA A 170 -9.99 -7.65 -19.97
CA ALA A 170 -9.86 -6.31 -20.52
C ALA A 170 -10.19 -6.22 -22.00
N THR A 171 -10.27 -7.36 -22.67
CA THR A 171 -10.50 -7.35 -24.11
C THR A 171 -11.74 -6.50 -24.43
N GLY A 172 -11.58 -5.56 -25.34
CA GLY A 172 -12.69 -4.77 -25.82
C GLY A 172 -13.06 -3.61 -24.91
N VAL A 173 -12.23 -3.33 -23.91
CA VAL A 173 -12.42 -2.12 -23.11
C VAL A 173 -12.17 -0.87 -23.96
N VAL A 174 -13.10 0.08 -23.90
CA VAL A 174 -12.95 1.37 -24.57
C VAL A 174 -13.14 2.50 -23.58
N VAL A 175 -12.14 3.36 -23.49
CA VAL A 175 -12.19 4.56 -22.64
C VAL A 175 -11.88 5.77 -23.50
N GLY A 176 -12.86 6.67 -23.63
CA GLY A 176 -12.74 7.76 -24.57
C GLY A 176 -11.86 8.91 -24.13
N GLU A 177 -11.56 9.77 -25.10
CA GLU A 177 -10.63 10.88 -24.99
C GLU A 177 -10.84 11.81 -23.81
N THR A 178 -12.09 12.05 -23.42
CA THR A 178 -12.36 13.02 -22.37
C THR A 178 -12.85 12.34 -21.10
N ALA A 179 -12.65 11.02 -21.02
CA ALA A 179 -13.07 10.28 -19.84
C ALA A 179 -12.15 10.58 -18.65
N VAL A 180 -12.70 10.45 -17.45
CA VAL A 180 -11.91 10.55 -16.24
C VAL A 180 -12.29 9.41 -15.30
N ILE A 181 -11.29 8.66 -14.86
CA ILE A 181 -11.52 7.54 -13.96
C ILE A 181 -10.76 7.75 -12.67
N GLY A 182 -11.46 7.66 -11.53
CA GLY A 182 -10.84 7.90 -10.24
C GLY A 182 -9.96 6.73 -9.80
N ASN A 183 -9.64 6.70 -8.52
CA ASN A 183 -8.85 5.61 -7.94
C ASN A 183 -9.70 4.40 -7.56
N ASN A 184 -9.07 3.24 -7.52
CA ASN A 184 -9.71 2.02 -6.98
C ASN A 184 -10.99 1.63 -7.70
N VAL A 185 -11.00 1.91 -9.00
CA VAL A 185 -12.11 1.55 -9.87
C VAL A 185 -11.91 0.15 -10.47
N SER A 186 -12.99 -0.61 -10.58
CA SER A 186 -12.95 -1.90 -11.28
C SER A 186 -13.74 -1.79 -12.57
N ILE A 187 -13.08 -2.15 -13.67
CA ILE A 187 -13.72 -2.09 -14.97
C ILE A 187 -13.70 -3.49 -15.58
N LEU A 188 -14.88 -4.08 -15.72
CA LEU A 188 -14.94 -5.47 -16.15
C LEU A 188 -15.01 -5.56 -17.67
N HIS A 189 -15.30 -6.76 -18.16
CA HIS A 189 -15.22 -7.06 -19.58
C HIS A 189 -16.20 -6.26 -20.44
N HIS A 190 -15.69 -5.73 -21.57
CA HIS A 190 -16.52 -5.06 -22.57
C HIS A 190 -17.21 -3.81 -22.05
N VAL A 191 -16.52 -3.06 -21.21
CA VAL A 191 -17.09 -1.80 -20.73
C VAL A 191 -16.73 -0.73 -21.74
N THR A 192 -17.69 0.13 -22.03
CA THR A 192 -17.44 1.28 -22.88
C THR A 192 -17.70 2.55 -22.10
N LEU A 193 -16.65 3.36 -21.97
CA LEU A 193 -16.77 4.71 -21.43
C LEU A 193 -16.55 5.65 -22.60
N GLY A 194 -17.62 5.98 -23.30
CA GLY A 194 -17.53 6.66 -24.57
C GLY A 194 -18.65 7.65 -24.84
N GLY A 195 -18.97 7.86 -26.11
CA GLY A 195 -19.87 8.93 -26.50
C GLY A 195 -21.03 8.56 -27.41
N THR A 196 -21.86 9.55 -27.71
CA THR A 196 -23.10 9.34 -28.46
C THR A 196 -22.88 9.25 -29.97
N GLY A 197 -21.76 9.80 -30.43
CA GLY A 197 -21.54 10.00 -31.85
C GLY A 197 -21.45 11.49 -32.11
N LYS A 198 -21.78 12.28 -31.08
CA LYS A 198 -21.62 13.73 -31.11
C LYS A 198 -20.16 14.11 -31.34
N VAL A 199 -19.93 15.07 -32.22
CA VAL A 199 -18.57 15.47 -32.58
C VAL A 199 -18.00 16.55 -31.66
N GLY A 200 -16.78 16.31 -31.19
CA GLY A 200 -16.01 17.30 -30.46
C GLY A 200 -16.38 17.46 -28.99
N GLY A 201 -15.48 18.10 -28.25
CA GLY A 201 -15.76 18.53 -26.89
C GLY A 201 -15.83 17.43 -25.84
N ASP A 202 -16.16 17.84 -24.61
CA ASP A 202 -16.28 16.94 -23.48
C ASP A 202 -17.51 16.06 -23.64
N ARG A 203 -17.30 14.77 -23.88
CA ARG A 203 -18.37 13.88 -24.30
C ARG A 203 -18.27 12.48 -23.69
N HIS A 204 -17.37 12.32 -22.73
CA HIS A 204 -17.12 11.01 -22.12
C HIS A 204 -17.27 11.07 -20.59
N PRO A 205 -17.62 9.93 -19.97
CA PRO A 205 -18.04 9.91 -18.56
C PRO A 205 -16.96 10.24 -17.53
N LYS A 206 -17.41 10.68 -16.36
CA LYS A 206 -16.52 10.91 -15.23
C LYS A 206 -16.84 9.87 -14.15
N ILE A 207 -15.88 9.00 -13.88
CA ILE A 207 -16.08 7.88 -12.97
C ILE A 207 -15.43 8.14 -11.61
N GLY A 208 -16.23 8.18 -10.55
CA GLY A 208 -15.73 8.44 -9.22
C GLY A 208 -14.86 7.33 -8.62
N ASP A 209 -14.18 7.64 -7.52
CA ASP A 209 -13.37 6.64 -6.83
C ASP A 209 -14.21 5.44 -6.42
N GLY A 210 -13.60 4.26 -6.50
CA GLY A 210 -14.19 3.07 -5.92
C GLY A 210 -15.41 2.51 -6.62
N VAL A 211 -15.66 2.97 -7.84
CA VAL A 211 -16.80 2.52 -8.62
C VAL A 211 -16.52 1.14 -9.21
N LEU A 212 -17.57 0.31 -9.25
CA LEU A 212 -17.52 -0.98 -9.93
C LEU A 212 -18.41 -0.94 -11.18
N ILE A 213 -17.82 -1.16 -12.34
CA ILE A 213 -18.59 -1.17 -13.59
C ILE A 213 -18.66 -2.59 -14.16
N GLY A 214 -19.87 -3.14 -14.17
CA GLY A 214 -20.09 -4.52 -14.56
C GLY A 214 -19.87 -4.83 -16.02
N ALA A 215 -19.73 -6.13 -16.33
CA ALA A 215 -19.43 -6.58 -17.68
C ALA A 215 -20.45 -6.10 -18.71
N GLY A 216 -19.94 -5.53 -19.81
CA GLY A 216 -20.76 -5.13 -20.93
C GLY A 216 -21.49 -3.82 -20.72
N ALA A 217 -21.18 -3.14 -19.62
CA ALA A 217 -21.85 -1.86 -19.35
C ALA A 217 -21.38 -0.80 -20.32
N THR A 218 -22.31 0.00 -20.79
CA THR A 218 -22.01 1.13 -21.67
CA THR A 218 -21.99 1.13 -21.65
C THR A 218 -22.39 2.43 -20.95
N ILE A 219 -21.42 3.33 -20.81
CA ILE A 219 -21.69 4.59 -20.16
C ILE A 219 -21.33 5.71 -21.13
N LEU A 220 -22.33 6.49 -21.53
CA LEU A 220 -22.15 7.43 -22.62
C LEU A 220 -22.50 8.86 -22.27
N GLY A 221 -21.72 9.78 -22.83
CA GLY A 221 -21.95 11.19 -22.62
C GLY A 221 -21.10 11.67 -21.47
N ASN A 222 -21.00 12.98 -21.28
CA ASN A 222 -20.30 13.48 -20.12
C ASN A 222 -21.26 13.50 -18.94
N ILE A 223 -21.40 12.34 -18.31
CA ILE A 223 -22.21 12.20 -17.10
C ILE A 223 -21.31 11.80 -15.92
N LYS A 224 -21.87 11.85 -14.71
CA LYS A 224 -21.13 11.55 -13.50
C LYS A 224 -21.50 10.20 -12.91
N ILE A 225 -20.52 9.37 -12.60
CA ILE A 225 -20.80 8.16 -11.85
C ILE A 225 -20.19 8.31 -10.47
N GLY A 226 -21.05 8.55 -9.48
CA GLY A 226 -20.59 8.89 -8.15
C GLY A 226 -19.71 7.87 -7.44
N GLU A 227 -18.89 8.35 -6.51
CA GLU A 227 -18.06 7.50 -5.66
C GLU A 227 -18.79 6.29 -5.11
N GLY A 228 -18.16 5.12 -5.23
CA GLY A 228 -18.70 3.92 -4.62
C GLY A 228 -19.92 3.34 -5.31
N ALA A 229 -20.35 3.96 -6.42
CA ALA A 229 -21.51 3.46 -7.13
C ALA A 229 -21.20 2.14 -7.81
N LYS A 230 -22.23 1.39 -8.13
CA LYS A 230 -22.08 0.14 -8.87
C LYS A 230 -22.94 0.18 -10.13
N VAL A 231 -22.36 -0.22 -11.26
CA VAL A 231 -23.13 -0.32 -12.50
C VAL A 231 -23.32 -1.79 -12.85
N GLY A 232 -24.57 -2.23 -12.94
CA GLY A 232 -24.85 -3.63 -13.21
C GLY A 232 -24.41 -4.02 -14.59
N ALA A 233 -24.13 -5.31 -14.78
CA ALA A 233 -23.75 -5.84 -16.08
C ALA A 233 -24.81 -5.52 -17.14
N GLY A 234 -24.35 -5.21 -18.35
CA GLY A 234 -25.25 -4.99 -19.47
C GLY A 234 -25.95 -3.64 -19.47
N SER A 235 -25.64 -2.79 -18.50
CA SER A 235 -26.36 -1.53 -18.38
C SER A 235 -25.96 -0.53 -19.45
N VAL A 236 -26.94 0.27 -19.86
CA VAL A 236 -26.65 1.43 -20.70
C VAL A 236 -26.98 2.66 -19.87
N VAL A 237 -25.94 3.31 -19.38
CA VAL A 237 -26.12 4.41 -18.45
C VAL A 237 -26.01 5.74 -19.17
N LEU A 238 -27.11 6.48 -19.19
CA LEU A 238 -27.17 7.75 -19.91
C LEU A 238 -27.39 8.92 -18.97
N ILE A 239 -27.60 8.62 -17.69
CA ILE A 239 -27.80 9.66 -16.69
C ILE A 239 -26.80 9.58 -15.54
N ASP A 240 -26.74 10.64 -14.75
CA ASP A 240 -25.84 10.72 -13.60
C ASP A 240 -26.22 9.69 -12.54
N VAL A 241 -25.22 8.98 -12.02
CA VAL A 241 -25.45 8.03 -10.94
C VAL A 241 -24.89 8.59 -9.65
N PRO A 242 -25.75 8.77 -8.64
CA PRO A 242 -25.28 9.29 -7.35
C PRO A 242 -24.32 8.32 -6.65
N PRO A 243 -23.46 8.85 -5.78
CA PRO A 243 -22.54 8.05 -4.96
C PRO A 243 -23.25 6.92 -4.23
N ARG A 244 -22.54 5.80 -4.06
CA ARG A 244 -22.97 4.68 -3.23
C ARG A 244 -24.29 4.06 -3.66
N THR A 245 -24.67 4.27 -4.92
CA THR A 245 -25.93 3.70 -5.42
C THR A 245 -25.68 2.71 -6.55
N THR A 246 -26.69 1.90 -6.85
CA THR A 246 -26.59 0.92 -7.92
C THR A 246 -27.49 1.29 -9.09
N ALA A 247 -26.91 1.35 -10.28
CA ALA A 247 -27.66 1.59 -11.50
C ALA A 247 -27.65 0.34 -12.37
N VAL A 248 -28.81 -0.06 -12.87
CA VAL A 248 -28.88 -1.25 -13.72
C VAL A 248 -30.00 -1.10 -14.74
N GLY A 249 -29.85 -1.76 -15.88
CA GLY A 249 -30.88 -1.75 -16.90
C GLY A 249 -30.49 -1.06 -18.20
N ASN A 250 -31.34 -1.24 -19.21
CA ASN A 250 -31.20 -0.59 -20.50
C ASN A 250 -32.54 0.02 -20.92
N PRO A 251 -32.73 1.32 -20.64
CA PRO A 251 -31.73 2.21 -20.05
C PRO A 251 -31.61 2.04 -18.54
N ALA A 252 -30.50 2.47 -17.98
CA ALA A 252 -30.21 2.24 -16.56
C ALA A 252 -31.11 3.06 -15.67
N ARG A 253 -31.56 2.43 -14.59
CA ARG A 253 -32.32 3.09 -13.55
C ARG A 253 -31.66 2.83 -12.21
N LEU A 254 -31.88 3.72 -11.24
CA LEU A 254 -31.32 3.52 -9.91
C LEU A 254 -32.12 2.48 -9.15
N VAL A 255 -31.43 1.65 -8.38
CA VAL A 255 -32.08 0.60 -7.61
C VAL A 255 -31.99 0.86 -6.11
N VAL B 12 -15.44 -4.46 1.49
CA VAL B 12 -16.19 -4.04 0.33
C VAL B 12 -15.56 -2.81 -0.33
N ALA B 13 -14.95 -1.95 0.48
CA ALA B 13 -14.29 -0.75 -0.03
C ALA B 13 -13.01 -1.13 -0.77
N PRO B 14 -12.88 -0.70 -2.03
CA PRO B 14 -11.80 -1.16 -2.90
C PRO B 14 -10.47 -0.50 -2.60
N ASP B 15 -10.47 0.58 -1.82
CA ASP B 15 -9.22 1.26 -1.50
C ASP B 15 -8.38 0.40 -0.56
N GLU B 16 -7.11 0.75 -0.39
CA GLU B 16 -6.21 -0.09 0.38
C GLU B 16 -6.67 -0.26 1.84
N GLU B 17 -6.95 0.86 2.50
CA GLU B 17 -7.39 0.81 3.89
C GLU B 17 -8.73 0.09 3.99
N GLY B 18 -9.61 0.38 3.03
CA GLY B 18 -10.92 -0.24 2.99
C GLY B 18 -10.83 -1.74 2.84
N TRP B 19 -9.90 -2.20 2.01
CA TRP B 19 -9.71 -3.62 1.80
C TRP B 19 -9.16 -4.30 3.07
N VAL B 20 -8.16 -3.69 3.67
CA VAL B 20 -7.56 -4.22 4.89
C VAL B 20 -8.63 -4.31 5.98
N TRP B 21 -9.45 -3.27 6.10
CA TRP B 21 -10.49 -3.25 7.12
C TRP B 21 -11.50 -4.37 6.84
N GLY B 22 -11.80 -4.56 5.56
CA GLY B 22 -12.69 -5.64 5.15
C GLY B 22 -12.16 -6.99 5.55
N GLN B 23 -10.87 -7.20 5.39
CA GLN B 23 -10.23 -8.44 5.82
C GLN B 23 -10.33 -8.62 7.32
N ILE B 24 -10.05 -7.55 8.06
CA ILE B 24 -10.12 -7.60 9.51
C ILE B 24 -11.51 -8.03 9.95
N LYS B 25 -12.56 -7.46 9.35
CA LYS B 25 -13.91 -7.84 9.77
C LYS B 25 -14.22 -9.31 9.47
N ALA B 26 -13.83 -9.77 8.29
CA ALA B 26 -14.12 -11.14 7.90
C ALA B 26 -13.44 -12.12 8.86
N GLU B 27 -12.19 -11.82 9.20
CA GLU B 27 -11.43 -12.66 10.12
C GLU B 27 -12.04 -12.66 11.51
N ALA B 28 -12.40 -11.48 11.98
CA ALA B 28 -13.01 -11.36 13.30
C ALA B 28 -14.32 -12.14 13.36
N ARG B 29 -15.08 -12.10 12.26
CA ARG B 29 -16.36 -12.79 12.21
C ARG B 29 -16.16 -14.30 12.31
N ARG B 30 -15.14 -14.81 11.61
CA ARG B 30 -14.82 -16.22 11.70
C ARG B 30 -14.39 -16.62 13.12
N ASP B 31 -13.58 -15.77 13.76
CA ASP B 31 -13.11 -16.07 15.11
C ASP B 31 -14.29 -16.01 16.09
N ALA B 32 -15.19 -15.06 15.90
CA ALA B 32 -16.33 -14.93 16.82
C ALA B 32 -17.26 -16.14 16.69
N GLU B 33 -17.44 -16.62 15.45
CA GLU B 33 -18.26 -17.79 15.22
C GLU B 33 -17.64 -19.05 15.82
N SER B 34 -16.31 -19.13 15.84
CA SER B 34 -15.67 -20.36 16.28
C SER B 34 -15.41 -20.36 17.80
N GLU B 35 -15.34 -19.19 18.41
CA GLU B 35 -14.99 -19.11 19.83
C GLU B 35 -15.94 -18.25 20.64
N PRO B 36 -16.93 -18.89 21.25
CA PRO B 36 -17.97 -18.12 21.95
C PRO B 36 -17.43 -17.32 23.12
N ALA B 37 -16.29 -17.71 23.69
CA ALA B 37 -15.71 -16.92 24.78
C ALA B 37 -15.24 -15.55 24.32
N LEU B 38 -14.95 -15.41 23.03
CA LEU B 38 -14.41 -14.16 22.49
C LEU B 38 -15.42 -13.40 21.62
N ALA B 39 -16.58 -13.99 21.36
CA ALA B 39 -17.52 -13.41 20.38
C ALA B 39 -17.95 -11.98 20.73
N SER B 40 -18.29 -11.72 22.00
CA SER B 40 -18.80 -10.40 22.35
C SER B 40 -17.73 -9.32 22.26
N TYR B 41 -16.52 -9.68 22.65
CA TYR B 41 -15.39 -8.77 22.59
C TYR B 41 -15.03 -8.47 21.13
N LEU B 42 -15.10 -9.47 20.25
CA LEU B 42 -14.84 -9.23 18.84
C LEU B 42 -15.96 -8.37 18.24
N TYR B 43 -17.19 -8.59 18.69
CA TYR B 43 -18.29 -7.75 18.24
C TYR B 43 -18.13 -6.30 18.71
N SER B 44 -17.85 -6.09 19.98
N SER B 44 -17.89 -6.12 20.00
CA SER B 44 -17.78 -4.73 20.50
CA SER B 44 -17.73 -4.79 20.58
C SER B 44 -16.58 -3.97 19.94
C SER B 44 -16.61 -4.01 19.90
N THR B 45 -15.46 -4.67 19.77
CA THR B 45 -14.24 -4.04 19.30
C THR B 45 -14.20 -3.84 17.77
N ILE B 46 -14.61 -4.85 17.00
CA ILE B 46 -14.48 -4.82 15.54
C ILE B 46 -15.81 -4.82 14.80
N LEU B 47 -16.64 -5.86 14.99
CA LEU B 47 -17.76 -6.09 14.10
C LEU B 47 -18.86 -5.02 14.20
N SER B 48 -18.95 -4.35 15.35
CA SER B 48 -19.97 -3.30 15.51
C SER B 48 -19.54 -1.94 14.93
N HIS B 49 -18.35 -1.87 14.35
CA HIS B 49 -17.82 -0.62 13.84
C HIS B 49 -17.70 -0.64 12.32
N SER B 50 -17.52 0.52 11.70
N SER B 50 -17.50 0.53 11.73
CA SER B 50 -17.40 0.58 10.26
CA SER B 50 -17.43 0.66 10.28
C SER B 50 -16.05 1.11 9.80
C SER B 50 -16.10 1.27 9.83
N SER B 51 -15.14 1.34 10.74
CA SER B 51 -13.79 1.80 10.36
C SER B 51 -12.70 1.20 11.22
N LEU B 52 -11.52 1.11 10.62
CA LEU B 52 -10.32 0.73 11.36
C LEU B 52 -10.03 1.71 12.49
N GLU B 53 -10.18 3.00 12.21
CA GLU B 53 -9.87 4.02 13.21
C GLU B 53 -10.71 3.88 14.46
N ARG B 54 -12.00 3.64 14.30
CA ARG B 54 -12.85 3.59 15.47
C ARG B 54 -12.55 2.32 16.25
N SER B 55 -12.32 1.22 15.54
N SER B 55 -12.34 1.22 15.53
CA SER B 55 -12.03 -0.04 16.23
CA SER B 55 -12.02 -0.05 16.16
C SER B 55 -10.69 0.00 16.95
C SER B 55 -10.71 0.02 16.95
N LEU B 56 -9.68 0.56 16.29
CA LEU B 56 -8.37 0.72 16.95
C LEU B 56 -8.47 1.64 18.17
N SER B 57 -9.23 2.72 18.06
CA SER B 57 -9.38 3.65 19.18
C SER B 57 -10.09 3.00 20.37
N PHE B 58 -11.13 2.22 20.04
CA PHE B 58 -11.94 1.48 21.02
C PHE B 58 -11.03 0.51 21.76
N HIS B 59 -10.24 -0.23 21.00
CA HIS B 59 -9.36 -1.25 21.58
C HIS B 59 -8.27 -0.61 22.45
N LEU B 60 -7.62 0.42 21.91
CA LEU B 60 -6.55 1.10 22.65
C LEU B 60 -7.10 1.74 23.93
N GLY B 61 -8.31 2.29 23.84
CA GLY B 61 -8.93 2.87 25.02
C GLY B 61 -9.13 1.86 26.13
N ASN B 62 -9.56 0.65 25.77
CA ASN B 62 -9.71 -0.39 26.77
C ASN B 62 -8.37 -0.92 27.28
N LYS B 63 -7.43 -1.12 26.37
CA LYS B 63 -6.15 -1.66 26.78
C LYS B 63 -5.42 -0.74 27.74
N LEU B 64 -5.53 0.57 27.52
CA LEU B 64 -4.68 1.52 28.23
C LEU B 64 -5.37 2.24 29.39
N CYS B 65 -6.66 1.96 29.61
CA CYS B 65 -7.35 2.67 30.67
C CYS B 65 -6.79 2.30 32.05
N SER B 66 -7.04 3.14 33.04
CA SER B 66 -6.51 2.95 34.38
C SER B 66 -7.46 3.69 35.31
N SER B 67 -7.18 3.69 36.60
CA SER B 67 -8.01 4.48 37.50
C SER B 67 -7.84 5.98 37.23
N THR B 68 -6.75 6.34 36.58
CA THR B 68 -6.49 7.74 36.25
C THR B 68 -7.18 8.15 34.96
N LEU B 69 -7.26 7.21 34.02
CA LEU B 69 -7.67 7.48 32.65
C LEU B 69 -8.83 6.57 32.22
N LEU B 70 -10.04 7.11 32.11
CA LEU B 70 -11.21 6.30 31.70
C LEU B 70 -11.03 5.74 30.31
N SER B 71 -11.52 4.52 30.07
CA SER B 71 -11.45 3.96 28.74
C SER B 71 -12.21 4.84 27.75
N THR B 72 -13.33 5.43 28.17
CA THR B 72 -14.09 6.27 27.26
C THR B 72 -13.34 7.57 26.92
N LEU B 73 -12.61 8.11 27.90
CA LEU B 73 -11.76 9.28 27.64
CA LEU B 73 -11.74 9.26 27.65
C LEU B 73 -10.67 8.94 26.62
N LEU B 74 -9.96 7.83 26.86
CA LEU B 74 -8.88 7.45 25.93
C LEU B 74 -9.45 7.13 24.54
N TYR B 75 -10.60 6.46 24.51
CA TYR B 75 -11.30 6.21 23.23
C TYR B 75 -11.51 7.51 22.44
N ASP B 76 -12.03 8.54 23.12
CA ASP B 76 -12.20 9.87 22.50
C ASP B 76 -10.88 10.44 22.02
N LEU B 77 -9.86 10.35 22.88
CA LEU B 77 -8.55 10.92 22.55
C LEU B 77 -7.97 10.29 21.28
N PHE B 78 -8.02 8.96 21.22
CA PHE B 78 -7.46 8.28 20.05
C PHE B 78 -8.30 8.55 18.82
N LEU B 79 -9.62 8.53 18.99
CA LEU B 79 -10.50 8.70 17.84
C LEU B 79 -10.36 10.11 17.26
N ASN B 80 -10.33 11.11 18.14
CA ASN B 80 -10.10 12.49 17.67
C ASN B 80 -8.78 12.65 16.93
N ALA B 81 -7.74 11.99 17.42
CA ALA B 81 -6.42 12.07 16.80
C ALA B 81 -6.46 11.46 15.41
N PHE B 82 -7.01 10.25 15.28
CA PHE B 82 -7.06 9.60 13.96
C PHE B 82 -7.93 10.37 12.97
N SER B 83 -9.07 10.86 13.45
CA SER B 83 -10.00 11.58 12.59
C SER B 83 -9.44 12.89 12.07
N SER B 84 -8.53 13.51 12.82
CA SER B 84 -8.01 14.81 12.45
C SER B 84 -6.64 14.77 11.79
N ASP B 85 -6.01 13.60 11.78
CA ASP B 85 -4.62 13.50 11.28
C ASP B 85 -4.49 12.35 10.27
N PRO B 86 -4.67 12.66 8.97
CA PRO B 86 -4.57 11.66 7.90
C PRO B 86 -3.29 10.82 7.97
N SER B 87 -2.21 11.43 8.44
CA SER B 87 -0.91 10.77 8.53
C SER B 87 -0.95 9.59 9.48
N LEU B 88 -1.71 9.72 10.57
CA LEU B 88 -1.83 8.65 11.55
C LEU B 88 -2.54 7.44 10.96
N ARG B 89 -3.59 7.71 10.18
CA ARG B 89 -4.33 6.64 9.53
C ARG B 89 -3.46 5.91 8.51
N SER B 90 -2.70 6.69 7.73
CA SER B 90 -1.76 6.11 6.77
C SER B 90 -0.73 5.24 7.47
N ALA B 91 -0.22 5.71 8.60
CA ALA B 91 0.82 4.97 9.33
C ALA B 91 0.27 3.67 9.90
N ALA B 92 -0.95 3.71 10.43
CA ALA B 92 -1.55 2.51 10.98
C ALA B 92 -1.71 1.42 9.90
N VAL B 93 -2.18 1.80 8.72
CA VAL B 93 -2.35 0.84 7.65
C VAL B 93 -0.98 0.33 7.19
N ALA B 94 -0.01 1.22 7.09
CA ALA B 94 1.33 0.80 6.68
C ALA B 94 1.93 -0.20 7.67
N ASP B 95 1.67 0.01 8.96
CA ASP B 95 2.21 -0.86 10.00
C ASP B 95 1.50 -2.21 10.00
N LEU B 96 0.19 -2.21 9.70
CA LEU B 96 -0.55 -3.46 9.53
C LEU B 96 0.00 -4.25 8.35
N ARG B 97 0.26 -3.54 7.25
CA ARG B 97 0.82 -4.15 6.07
C ARG B 97 2.21 -4.73 6.37
N ALA B 98 3.00 -3.99 7.14
CA ALA B 98 4.35 -4.44 7.48
C ALA B 98 4.32 -5.75 8.24
N ALA B 99 3.38 -5.86 9.19
CA ALA B 99 3.22 -7.10 9.96
C ALA B 99 2.79 -8.25 9.06
N ARG B 100 1.81 -7.97 8.21
CA ARG B 100 1.25 -9.00 7.33
C ARG B 100 2.34 -9.50 6.37
N GLU B 101 3.24 -8.61 5.98
CA GLU B 101 4.28 -8.97 5.00
C GLU B 101 5.54 -9.56 5.62
N ARG B 102 5.99 -9.00 6.74
CA ARG B 102 7.30 -9.32 7.28
C ARG B 102 7.29 -10.16 8.56
N ASP B 103 6.12 -10.32 9.20
CA ASP B 103 6.01 -11.24 10.34
C ASP B 103 5.68 -12.63 9.80
N PRO B 104 6.40 -13.67 10.29
CA PRO B 104 6.30 -15.05 9.79
C PRO B 104 4.87 -15.61 9.63
N VAL B 107 1.35 -13.19 10.78
CA VAL B 107 0.14 -12.73 11.48
C VAL B 107 -0.95 -12.28 10.51
N SER B 108 -2.21 -12.59 10.85
CA SER B 108 -3.36 -12.08 10.12
C SER B 108 -3.61 -10.62 10.52
N TYR B 109 -4.38 -9.89 9.70
CA TYR B 109 -4.62 -8.48 9.99
C TYR B 109 -5.37 -8.29 11.32
N SER B 110 -6.43 -9.06 11.54
CA SER B 110 -7.21 -8.84 12.76
C SER B 110 -6.42 -9.24 14.01
N HIS B 111 -5.57 -10.27 13.88
CA HIS B 111 -4.81 -10.69 15.05
C HIS B 111 -3.74 -9.67 15.38
N CYS B 112 -3.18 -9.03 14.35
CA CYS B 112 -2.22 -7.97 14.56
C CYS B 112 -2.93 -6.82 15.29
N LEU B 113 -4.08 -6.40 14.76
CA LEU B 113 -4.84 -5.31 15.33
C LEU B 113 -5.14 -5.56 16.81
N LEU B 114 -5.55 -6.77 17.14
CA LEU B 114 -6.01 -7.08 18.50
C LEU B 114 -4.93 -7.47 19.47
N ASN B 115 -3.93 -8.23 19.00
CA ASN B 115 -3.02 -8.93 19.88
C ASN B 115 -1.56 -8.49 19.81
N TYR B 116 -1.18 -7.79 18.75
CA TYR B 116 0.25 -7.51 18.58
C TYR B 116 0.62 -6.25 19.35
N LYS B 117 1.41 -6.47 20.41
CA LYS B 117 1.76 -5.39 21.34
C LYS B 117 2.60 -4.33 20.68
N GLY B 118 3.52 -4.75 19.81
CA GLY B 118 4.35 -3.77 19.12
C GLY B 118 3.49 -2.84 18.27
N PHE B 119 2.61 -3.43 17.48
CA PHE B 119 1.73 -2.65 16.62
C PHE B 119 0.88 -1.66 17.41
N LEU B 120 0.25 -2.16 18.47
CA LEU B 120 -0.65 -1.33 19.27
C LEU B 120 0.10 -0.21 19.99
N ALA B 121 1.22 -0.55 20.61
CA ALA B 121 2.03 0.45 21.31
C ALA B 121 2.51 1.51 20.34
N CYS B 122 2.83 1.09 19.13
CA CYS B 122 3.31 2.02 18.12
C CYS B 122 2.22 3.02 17.73
N GLN B 123 1.00 2.56 17.49
CA GLN B 123 -0.06 3.51 17.12
C GLN B 123 -0.37 4.45 18.28
N ALA B 124 -0.39 3.92 19.50
CA ALA B 124 -0.64 4.74 20.68
C ALA B 124 0.50 5.77 20.85
N HIS B 125 1.73 5.33 20.58
CA HIS B 125 2.85 6.26 20.66
C HIS B 125 2.72 7.42 19.68
N ARG B 126 2.23 7.13 18.47
CA ARG B 126 2.09 8.16 17.46
C ARG B 126 1.15 9.25 17.97
N VAL B 127 0.13 8.84 18.70
CA VAL B 127 -0.77 9.83 19.31
C VAL B 127 -0.10 10.58 20.47
N ALA B 128 0.69 9.88 21.28
CA ALA B 128 1.51 10.56 22.31
C ALA B 128 2.46 11.57 21.67
N HIS B 129 3.04 11.23 20.53
CA HIS B 129 3.95 12.12 19.83
C HIS B 129 3.22 13.35 19.33
N LEU B 130 1.99 13.15 18.87
CA LEU B 130 1.16 14.27 18.43
C LEU B 130 0.86 15.21 19.60
N LEU B 131 0.42 14.65 20.72
CA LEU B 131 0.18 15.43 21.95
C LEU B 131 1.41 16.25 22.33
N TRP B 132 2.57 15.59 22.28
CA TRP B 132 3.85 16.22 22.63
C TRP B 132 4.09 17.43 21.75
N ARG B 133 3.76 17.30 20.47
CA ARG B 133 3.94 18.37 19.49
C ARG B 133 2.88 19.44 19.63
N GLN B 134 1.72 19.08 20.17
CA GLN B 134 0.61 20.02 20.39
C GLN B 134 0.71 20.72 21.76
N SER B 135 1.86 20.61 22.40
CA SER B 135 2.11 21.20 23.72
C SER B 135 1.22 20.62 24.83
N ARG B 136 0.89 19.34 24.72
CA ARG B 136 0.24 18.61 25.81
C ARG B 136 1.19 17.54 26.33
N ARG B 137 2.33 17.99 26.85
CA ARG B 137 3.36 17.05 27.26
C ARG B 137 3.03 16.27 28.54
N PRO B 138 2.40 16.90 29.56
CA PRO B 138 2.00 16.04 30.68
C PRO B 138 1.10 14.88 30.25
N LEU B 139 0.13 15.15 29.38
CA LEU B 139 -0.74 14.08 28.91
C LEU B 139 0.04 13.10 28.02
N ALA B 140 0.94 13.62 27.19
CA ALA B 140 1.76 12.75 26.34
C ALA B 140 2.54 11.78 27.22
N LEU B 141 3.08 12.29 28.32
CA LEU B 141 3.89 11.47 29.21
C LEU B 141 3.03 10.49 30.00
N ALA B 142 1.80 10.87 30.34
CA ALA B 142 0.91 9.96 31.02
C ALA B 142 0.55 8.81 30.10
N LEU B 143 0.29 9.13 28.83
CA LEU B 143 -0.05 8.10 27.87
C LEU B 143 1.15 7.18 27.64
N HIS B 144 2.32 7.79 27.49
CA HIS B 144 3.57 7.04 27.35
C HIS B 144 3.77 6.05 28.50
N SER B 145 3.48 6.50 29.72
CA SER B 145 3.64 5.64 30.89
CA SER B 145 3.64 5.64 30.89
C SER B 145 2.74 4.41 30.80
N ARG B 146 1.49 4.62 30.35
CA ARG B 146 0.55 3.50 30.19
C ARG B 146 0.98 2.54 29.10
N ILE B 147 1.50 3.08 27.99
CA ILE B 147 1.93 2.25 26.88
C ILE B 147 3.04 1.31 27.33
N ALA B 148 3.97 1.87 28.09
CA ALA B 148 5.09 1.09 28.64
C ALA B 148 4.57 0.01 29.60
N ASN B 149 3.72 0.45 30.53
CA ASN B 149 3.01 -0.41 31.48
C ASN B 149 2.31 -1.60 30.82
N VAL B 150 1.60 -1.35 29.73
CA VAL B 150 0.71 -2.36 29.18
C VAL B 150 1.34 -3.15 28.02
N PHE B 151 2.14 -2.49 27.19
CA PHE B 151 2.65 -3.16 25.99
C PHE B 151 4.13 -3.47 26.06
N ALA B 152 4.75 -3.16 27.21
CA ALA B 152 6.17 -3.35 27.42
C ALA B 152 6.96 -2.69 26.29
N VAL B 153 6.51 -1.49 25.92
CA VAL B 153 7.15 -0.73 24.88
C VAL B 153 7.40 0.67 25.37
N ASP B 154 8.68 1.05 25.46
CA ASP B 154 9.06 2.34 26.03
C ASP B 154 9.66 3.19 24.93
N ILE B 155 8.78 3.95 24.27
CA ILE B 155 9.18 4.91 23.23
C ILE B 155 8.89 6.30 23.74
N HIS B 156 9.91 7.14 23.90
CA HIS B 156 9.67 8.48 24.43
C HIS B 156 8.78 9.26 23.45
N PRO B 157 7.79 10.01 23.95
CA PRO B 157 6.90 10.75 23.04
C PRO B 157 7.62 11.65 22.05
N ALA B 158 8.81 12.14 22.38
CA ALA B 158 9.56 13.01 21.48
C ALA B 158 10.34 12.25 20.41
N ALA B 159 10.40 10.92 20.53
CA ALA B 159 11.05 10.12 19.49
C ALA B 159 10.31 10.27 18.17
N ARG B 160 11.04 10.27 17.06
CA ARG B 160 10.41 10.36 15.76
C ARG B 160 10.51 9.01 15.05
N ILE B 161 9.36 8.43 14.68
CA ILE B 161 9.36 7.14 14.00
CA ILE B 161 9.33 7.13 14.03
C ILE B 161 8.55 7.20 12.71
N GLY B 162 9.04 6.49 11.69
CA GLY B 162 8.38 6.46 10.40
C GLY B 162 7.27 5.43 10.40
N LYS B 163 6.92 4.92 9.23
CA LYS B 163 5.84 3.96 9.14
C LYS B 163 6.30 2.69 8.43
N GLY B 164 5.47 1.64 8.49
CA GLY B 164 5.87 0.34 8.01
C GLY B 164 6.80 -0.34 9.00
N ILE B 165 6.57 -0.06 10.28
CA ILE B 165 7.45 -0.50 11.36
C ILE B 165 7.06 -1.88 11.91
N LEU B 166 8.04 -2.76 12.09
CA LEU B 166 7.81 -4.09 12.66
C LEU B 166 8.51 -4.21 14.01
N PHE B 167 7.75 -4.32 15.10
CA PHE B 167 8.29 -4.54 16.45
C PHE B 167 8.04 -5.99 16.90
N ASP B 168 8.99 -6.89 16.65
CA ASP B 168 8.80 -8.32 16.94
C ASP B 168 9.19 -8.71 18.36
N HIS B 169 8.25 -9.34 19.07
CA HIS B 169 8.37 -9.63 20.52
C HIS B 169 8.72 -8.33 21.24
N ALA B 170 7.75 -7.43 21.25
CA ALA B 170 7.96 -6.03 21.59
C ALA B 170 8.35 -5.80 23.03
N THR B 171 8.30 -6.83 23.85
CA THR B 171 8.53 -6.61 25.27
C THR B 171 9.94 -6.10 25.49
N GLY B 172 10.05 -5.00 26.22
CA GLY B 172 11.34 -4.50 26.63
C GLY B 172 12.06 -3.65 25.62
N VAL B 173 11.38 -3.24 24.56
N VAL B 173 11.35 -3.21 24.58
CA VAL B 173 12.03 -2.30 23.63
CA VAL B 173 11.96 -2.30 23.62
C VAL B 173 12.11 -0.94 24.28
C VAL B 173 12.07 -0.90 24.24
N VAL B 174 13.23 -0.27 24.07
CA VAL B 174 13.46 1.07 24.57
C VAL B 174 13.93 1.93 23.42
N VAL B 175 13.23 3.04 23.19
CA VAL B 175 13.62 4.02 22.18
C VAL B 175 13.66 5.39 22.85
N GLY B 176 14.85 5.98 22.90
CA GLY B 176 15.06 7.17 23.69
C GLY B 176 14.53 8.45 23.09
N GLU B 177 14.53 9.50 23.91
CA GLU B 177 13.94 10.80 23.59
C GLU B 177 14.41 11.43 22.28
N THR B 178 15.67 11.22 21.93
CA THR B 178 16.22 11.91 20.76
C THR B 178 16.45 10.96 19.59
N ALA B 179 15.93 9.74 19.69
CA ALA B 179 16.06 8.77 18.62
C ALA B 179 15.25 9.15 17.39
N VAL B 180 15.73 8.74 16.22
CA VAL B 180 14.98 8.86 14.96
C VAL B 180 14.97 7.52 14.25
N ILE B 181 13.77 7.07 13.88
CA ILE B 181 13.62 5.81 13.17
C ILE B 181 12.91 6.05 11.84
N GLY B 182 13.54 5.63 10.74
CA GLY B 182 12.97 5.81 9.42
C GLY B 182 11.82 4.85 9.14
N ASN B 183 11.45 4.74 7.87
CA ASN B 183 10.38 3.87 7.42
C ASN B 183 10.84 2.43 7.22
N ASN B 184 9.90 1.51 7.33
CA ASN B 184 10.13 0.09 7.02
C ASN B 184 11.30 -0.53 7.80
N VAL B 185 11.42 -0.11 9.05
CA VAL B 185 12.42 -0.64 9.97
C VAL B 185 11.84 -1.80 10.77
N SER B 186 12.66 -2.82 11.03
CA SER B 186 12.25 -3.93 11.88
C SER B 186 13.05 -3.91 13.17
N ILE B 187 12.34 -3.92 14.28
CA ILE B 187 12.97 -3.87 15.59
C ILE B 187 12.60 -5.11 16.38
N LEU B 188 13.56 -5.98 16.62
CA LEU B 188 13.23 -7.23 17.25
C LEU B 188 13.27 -7.08 18.77
N HIS B 189 13.15 -8.21 19.45
CA HIS B 189 13.06 -8.30 20.89
C HIS B 189 14.22 -7.60 21.58
N HIS B 190 13.93 -6.72 22.55
CA HIS B 190 14.95 -6.37 23.52
C HIS B 190 16.08 -5.57 22.90
N VAL B 191 15.66 -4.73 21.96
CA VAL B 191 16.49 -3.74 21.31
C VAL B 191 16.44 -2.47 22.15
N THR B 192 17.58 -1.86 22.36
CA THR B 192 17.68 -0.60 23.05
C THR B 192 18.24 0.44 22.09
N LEU B 193 17.49 1.48 21.84
CA LEU B 193 17.97 2.63 21.10
C LEU B 193 18.08 3.77 22.10
N GLY B 194 19.20 3.82 22.80
CA GLY B 194 19.35 4.72 23.94
C GLY B 194 20.71 5.37 24.07
N GLY B 195 21.08 5.69 25.30
CA GLY B 195 22.30 6.44 25.55
C GLY B 195 23.28 5.78 26.50
N THR B 196 24.46 6.38 26.57
CA THR B 196 25.55 5.90 27.42
C THR B 196 25.34 6.27 28.89
N GLY B 197 24.37 7.13 29.15
CA GLY B 197 24.18 7.68 30.48
C GLY B 197 24.58 9.14 30.52
N LYS B 198 25.09 9.65 29.40
CA LYS B 198 25.43 11.06 29.26
C LYS B 198 24.18 11.93 29.43
N VAL B 199 24.33 13.07 30.09
CA VAL B 199 23.20 13.91 30.45
C VAL B 199 22.88 15.00 29.40
N GLY B 200 21.67 14.94 28.85
CA GLY B 200 21.18 15.98 27.97
C GLY B 200 21.55 15.84 26.50
N GLY B 201 20.92 16.65 25.66
CA GLY B 201 21.24 16.73 24.25
C GLY B 201 20.97 15.48 23.43
N ASP B 202 21.27 15.56 22.13
CA ASP B 202 21.16 14.43 21.22
C ASP B 202 22.11 13.31 21.62
N ARG B 203 21.55 12.22 22.10
CA ARG B 203 22.33 11.14 22.70
C ARG B 203 21.80 9.78 22.30
N HIS B 204 20.86 9.78 21.36
CA HIS B 204 20.19 8.55 20.92
C HIS B 204 20.32 8.38 19.40
N PRO B 205 20.33 7.12 18.93
CA PRO B 205 20.67 6.76 17.54
C PRO B 205 19.72 7.26 16.46
N LYS B 206 20.24 7.36 15.25
CA LYS B 206 19.44 7.67 14.08
C LYS B 206 19.40 6.45 13.16
N ILE B 207 18.22 5.88 13.00
CA ILE B 207 18.06 4.65 12.23
C ILE B 207 17.49 4.91 10.85
N GLY B 208 18.26 4.59 9.81
CA GLY B 208 17.84 4.76 8.43
C GLY B 208 16.68 3.87 7.99
N ASP B 209 16.09 4.20 6.84
CA ASP B 209 15.02 3.40 6.26
C ASP B 209 15.46 1.97 6.05
N GLY B 210 14.52 1.04 6.30
CA GLY B 210 14.69 -0.36 5.93
C GLY B 210 15.74 -1.15 6.70
N VAL B 211 16.14 -0.62 7.85
CA VAL B 211 17.13 -1.25 8.70
C VAL B 211 16.51 -2.42 9.47
N LEU B 212 17.28 -3.49 9.65
CA LEU B 212 16.89 -4.61 10.49
C LEU B 212 17.77 -4.63 11.74
N ILE B 213 17.15 -4.50 12.92
CA ILE B 213 17.89 -4.57 14.17
C ILE B 213 17.56 -5.86 14.91
N GLY B 214 18.58 -6.70 15.08
CA GLY B 214 18.40 -8.03 15.65
C GLY B 214 18.12 -8.03 17.14
N ALA B 215 17.70 -9.19 17.64
CA ALA B 215 17.27 -9.31 19.03
C ALA B 215 18.40 -9.02 20.02
N GLY B 216 18.08 -8.24 21.05
CA GLY B 216 19.01 -7.94 22.11
C GLY B 216 20.03 -6.89 21.75
N ALA B 217 19.91 -6.30 20.57
CA ALA B 217 20.90 -5.33 20.11
C ALA B 217 20.76 -4.03 20.90
N THR B 218 21.89 -3.45 21.27
CA THR B 218 21.92 -2.16 21.93
C THR B 218 22.65 -1.18 21.04
N ILE B 219 22.01 -0.07 20.74
CA ILE B 219 22.63 0.94 19.90
C ILE B 219 22.66 2.23 20.71
N LEU B 220 23.87 2.69 21.05
CA LEU B 220 24.00 3.79 21.99
C LEU B 220 24.73 4.99 21.43
N GLY B 221 24.22 6.17 21.77
CA GLY B 221 24.88 7.41 21.41
C GLY B 221 24.25 7.99 20.17
N ASN B 222 24.60 9.23 19.87
CA ASN B 222 24.12 9.85 18.65
C ASN B 222 24.91 9.36 17.45
N ILE B 223 24.66 8.11 17.06
CA ILE B 223 25.30 7.54 15.88
C ILE B 223 24.25 7.24 14.83
N LYS B 224 24.68 7.05 13.58
CA LYS B 224 23.76 6.75 12.49
C LYS B 224 23.86 5.30 12.05
N ILE B 225 22.71 4.67 11.87
CA ILE B 225 22.66 3.35 11.27
C ILE B 225 22.12 3.49 9.86
N GLY B 226 22.99 3.27 8.88
CA GLY B 226 22.68 3.54 7.49
C GLY B 226 21.50 2.79 6.91
N GLU B 227 20.87 3.38 5.90
CA GLU B 227 19.72 2.76 5.25
C GLU B 227 20.03 1.34 4.79
N GLY B 228 19.11 0.43 5.06
CA GLY B 228 19.24 -0.94 4.63
C GLY B 228 20.27 -1.75 5.40
N ALA B 229 20.88 -1.16 6.43
CA ALA B 229 21.88 -1.89 7.19
C ALA B 229 21.21 -2.95 8.04
N LYS B 230 22.00 -3.93 8.49
CA LYS B 230 21.50 -4.97 9.38
C LYS B 230 22.35 -5.01 10.63
N VAL B 231 21.71 -5.05 11.78
CA VAL B 231 22.44 -5.19 13.03
C VAL B 231 22.21 -6.58 13.61
N GLY B 232 23.30 -7.32 13.82
CA GLY B 232 23.19 -8.70 14.28
C GLY B 232 22.69 -8.79 15.71
N ALA B 233 22.06 -9.91 16.04
CA ALA B 233 21.56 -10.12 17.38
C ALA B 233 22.67 -9.96 18.42
N GLY B 234 22.32 -9.33 19.55
CA GLY B 234 23.23 -9.18 20.67
C GLY B 234 24.33 -8.14 20.49
N SER B 235 24.32 -7.44 19.36
CA SER B 235 25.35 -6.45 19.09
C SER B 235 25.29 -5.27 20.04
N VAL B 236 26.45 -4.70 20.33
CA VAL B 236 26.51 -3.41 20.99
C VAL B 236 27.15 -2.45 20.02
N VAL B 237 26.33 -1.63 19.38
CA VAL B 237 26.81 -0.74 18.33
C VAL B 237 27.09 0.64 18.90
N LEU B 238 28.34 1.07 18.80
CA LEU B 238 28.77 2.35 19.37
C LEU B 238 29.32 3.27 18.30
N ILE B 239 29.36 2.79 17.06
CA ILE B 239 29.83 3.60 15.94
C ILE B 239 28.86 3.58 14.76
N ASP B 240 29.09 4.49 13.81
CA ASP B 240 28.25 4.59 12.60
C ASP B 240 28.32 3.31 11.77
N VAL B 241 27.15 2.86 11.32
CA VAL B 241 27.05 1.74 10.41
C VAL B 241 26.66 2.23 9.02
N PRO B 242 27.52 1.99 8.02
CA PRO B 242 27.24 2.43 6.65
C PRO B 242 25.98 1.79 6.08
N PRO B 243 25.35 2.45 5.10
CA PRO B 243 24.20 1.90 4.37
C PRO B 243 24.48 0.51 3.81
N ARG B 244 23.48 -0.37 3.90
CA ARG B 244 23.52 -1.69 3.30
C ARG B 244 24.69 -2.57 3.77
N THR B 245 25.16 -2.30 4.98
CA THR B 245 26.22 -3.13 5.57
C THR B 245 25.73 -3.83 6.83
N THR B 246 26.44 -4.87 7.25
CA THR B 246 26.07 -5.61 8.45
C THR B 246 27.06 -5.36 9.58
N ALA B 247 26.53 -5.02 10.76
CA ALA B 247 27.34 -4.86 11.95
C ALA B 247 26.98 -5.93 12.96
N VAL B 248 27.99 -6.57 13.54
CA VAL B 248 27.74 -7.62 14.52
C VAL B 248 28.86 -7.67 15.56
N GLY B 249 28.49 -8.03 16.80
CA GLY B 249 29.47 -8.21 17.85
C GLY B 249 29.35 -7.24 19.01
N ASN B 250 30.12 -7.49 20.06
CA ASN B 250 30.20 -6.64 21.23
C ASN B 250 31.66 -6.35 21.59
N PRO B 251 32.21 -5.22 21.12
CA PRO B 251 31.48 -4.20 20.36
C PRO B 251 31.31 -4.59 18.88
N ALA B 252 30.33 -4.01 18.22
CA ALA B 252 29.98 -4.41 16.87
C ALA B 252 31.02 -3.92 15.87
N ARG B 253 31.42 -4.82 14.96
CA ARG B 253 32.25 -4.42 13.83
C ARG B 253 31.47 -4.72 12.55
N LEU B 254 31.92 -4.13 11.44
CA LEU B 254 31.30 -4.37 10.15
C LEU B 254 31.78 -5.68 9.56
N VAL B 255 30.87 -6.43 8.94
CA VAL B 255 31.20 -7.70 8.32
C VAL B 255 31.48 -7.54 6.84
#